data_6X6W
#
_entry.id   6X6W
#
_cell.length_a   77.240
_cell.length_b   44.470
_cell.length_c   78.390
_cell.angle_alpha   90.000
_cell.angle_beta   116.960
_cell.angle_gamma   90.000
#
_symmetry.space_group_name_H-M   'P 1 21 1'
#
loop_
_entity.id
_entity.type
_entity.pdbx_description
1 polymer ADP-ribosyltransferase
2 water water
#
_entity_poly.entity_id   1
_entity_poly.type   'polypeptide(L)'
_entity_poly.pdbx_seq_one_letter_code
;VANTTYKAPIERPEDFLKDKEKAKEWERKEAERIEQKLERSEKEALESYKKDSVEISKYSQTRNYFYDYQIEANSREKEY
KELRNAISKNKIDKPMYVYYFESPEKFAFNKVIRTENQNEISLEKFNEFKETIQNKLFKQDGFKDISLYEPGKGDEKPTP
LLMHLKLPRNTGMLPYTNTNNVSTLIEQGYSIKIDKIVRIVIDGKHYIKAEASVVSSLDFKDDVSKGDSWGKANYNDWSN
KLTPNELADVNDYMRGGYTAINNYLISNGPVNNPNPELDSKITNIENALKREPIPTNLTVYRRSGPQEFGLTLTSPEYDF
NKLENIDAFKSKWEGQALSYPNFISTSIGSVNMSAFAKRKIVLRITIPKGSPGAYLSAIPGYAGEYEVLLNHGSKFKINK
IDSYKDGTITKLIVDATLIP
;
_entity_poly.pdbx_strand_id   B
#
# COMPACT_ATOMS: atom_id res chain seq x y z
N GLU A 11 7.48 -5.00 -32.53
CA GLU A 11 8.50 -4.66 -31.54
C GLU A 11 8.28 -3.26 -30.94
N ARG A 12 8.86 -3.02 -29.76
CA ARG A 12 8.76 -1.72 -29.10
C ARG A 12 9.97 -1.39 -28.26
N PRO A 13 10.37 -0.09 -28.10
CA PRO A 13 11.45 0.23 -27.15
C PRO A 13 10.93 0.08 -25.70
N GLU A 14 11.81 0.25 -24.72
CA GLU A 14 11.38 0.27 -23.32
C GLU A 14 10.66 1.60 -23.03
N ASP A 15 11.08 2.69 -23.73
CA ASP A 15 10.47 4.00 -23.58
C ASP A 15 10.19 4.65 -24.92
N PHE A 16 8.91 4.93 -25.20
CA PHE A 16 8.51 5.61 -26.43
C PHE A 16 8.88 7.07 -26.42
N LEU A 17 9.24 7.60 -25.24
CA LEU A 17 9.66 8.98 -25.02
C LEU A 17 8.60 9.96 -25.49
N LYS A 18 8.93 10.88 -26.43
CA LYS A 18 7.96 11.83 -26.96
C LYS A 18 7.36 11.34 -28.32
N ASP A 19 7.69 10.12 -28.74
CA ASP A 19 7.19 9.57 -30.01
C ASP A 19 5.77 9.01 -29.87
N LYS A 20 4.80 9.92 -29.75
CA LYS A 20 3.36 9.68 -29.62
C LYS A 20 2.82 8.84 -30.77
N GLU A 21 3.19 9.18 -32.03
N GLU A 21 3.20 9.17 -32.03
CA GLU A 21 2.74 8.47 -33.23
CA GLU A 21 2.71 8.45 -33.20
C GLU A 21 3.11 6.98 -33.20
C GLU A 21 3.11 6.98 -33.19
N LYS A 22 4.36 6.66 -32.82
CA LYS A 22 4.81 5.26 -32.73
C LYS A 22 4.17 4.56 -31.53
N ALA A 23 4.03 5.26 -30.39
CA ALA A 23 3.43 4.72 -29.17
C ALA A 23 1.97 4.39 -29.42
N LYS A 24 1.22 5.28 -30.12
CA LYS A 24 -0.21 5.08 -30.38
C LYS A 24 -0.47 3.96 -31.38
N GLU A 25 0.43 3.80 -32.37
CA GLU A 25 0.32 2.74 -33.38
C GLU A 25 0.53 1.41 -32.70
N TRP A 26 1.55 1.31 -31.83
CA TRP A 26 1.88 0.08 -31.11
C TRP A 26 0.76 -0.29 -30.15
N GLU A 27 0.19 0.70 -29.43
CA GLU A 27 -0.90 0.56 -28.49
C GLU A 27 -2.14 0.03 -29.23
N ARG A 28 -2.48 0.65 -30.39
CA ARG A 28 -3.62 0.26 -31.23
C ARG A 28 -3.49 -1.18 -31.77
N LYS A 29 -2.29 -1.54 -32.28
CA LYS A 29 -1.94 -2.87 -32.80
C LYS A 29 -2.04 -3.88 -31.65
N GLU A 30 -1.54 -3.49 -30.45
CA GLU A 30 -1.58 -4.29 -29.24
C GLU A 30 -3.00 -4.51 -28.73
N ALA A 31 -3.82 -3.43 -28.66
CA ALA A 31 -5.22 -3.48 -28.22
C ALA A 31 -6.06 -4.40 -29.11
N GLU A 32 -5.90 -4.30 -30.47
CA GLU A 32 -6.60 -5.17 -31.43
C GLU A 32 -6.16 -6.63 -31.28
N ARG A 33 -4.85 -6.87 -31.05
CA ARG A 33 -4.29 -8.22 -30.84
C ARG A 33 -4.84 -8.85 -29.55
N ILE A 34 -4.82 -8.08 -28.46
CA ILE A 34 -5.28 -8.51 -27.14
C ILE A 34 -6.79 -8.74 -27.10
N GLU A 35 -7.56 -8.00 -27.92
CA GLU A 35 -9.01 -8.17 -28.02
C GLU A 35 -9.36 -9.66 -28.30
N GLN A 36 -8.45 -10.40 -29.00
CA GLN A 36 -8.59 -11.82 -29.35
C GLN A 36 -8.21 -12.78 -28.17
N LYS A 37 -7.44 -12.30 -27.18
CA LYS A 37 -6.99 -13.05 -26.00
C LYS A 37 -8.04 -12.99 -24.87
N LEU A 38 -8.93 -11.98 -24.93
CA LEU A 38 -9.87 -11.75 -23.85
C LEU A 38 -11.00 -12.76 -23.84
N GLU A 39 -11.36 -13.18 -22.64
CA GLU A 39 -12.51 -14.03 -22.39
C GLU A 39 -13.71 -13.13 -22.53
N ARG A 40 -14.88 -13.70 -22.84
CA ARG A 40 -16.11 -12.91 -22.94
C ARG A 40 -16.35 -12.14 -21.64
N SER A 41 -16.10 -12.78 -20.47
CA SER A 41 -16.30 -12.14 -19.16
C SER A 41 -15.36 -10.94 -18.94
N GLU A 42 -14.19 -10.99 -19.55
CA GLU A 42 -13.19 -9.95 -19.50
C GLU A 42 -13.58 -8.82 -20.40
N LYS A 43 -14.12 -9.14 -21.59
CA LYS A 43 -14.65 -8.16 -22.53
C LYS A 43 -15.80 -7.44 -21.90
N GLU A 44 -16.63 -8.19 -21.15
CA GLU A 44 -17.81 -7.70 -20.43
C GLU A 44 -17.37 -6.72 -19.34
N ALA A 45 -16.40 -7.14 -18.49
CA ALA A 45 -15.82 -6.25 -17.46
C ALA A 45 -15.19 -5.00 -18.08
N LEU A 46 -14.55 -5.13 -19.26
CA LEU A 46 -13.96 -3.99 -19.98
C LEU A 46 -15.06 -3.02 -20.47
N GLU A 47 -16.19 -3.55 -20.98
CA GLU A 47 -17.34 -2.71 -21.35
C GLU A 47 -17.84 -1.94 -20.13
N SER A 48 -17.87 -2.59 -18.96
CA SER A 48 -18.29 -1.88 -17.74
C SER A 48 -17.28 -0.81 -17.34
N TYR A 49 -15.99 -1.11 -17.47
CA TYR A 49 -14.90 -0.16 -17.21
C TYR A 49 -15.02 1.10 -18.07
N LYS A 50 -15.35 0.94 -19.36
CA LYS A 50 -15.45 2.09 -20.25
C LYS A 50 -16.58 3.03 -19.81
N LYS A 51 -17.61 2.45 -19.17
CA LYS A 51 -18.76 3.22 -18.70
C LYS A 51 -18.59 3.72 -17.27
N ASP A 52 -17.77 3.05 -16.47
CA ASP A 52 -17.67 3.39 -15.05
C ASP A 52 -16.23 3.30 -14.54
N SER A 53 -15.29 3.88 -15.32
CA SER A 53 -13.87 3.78 -14.96
C SER A 53 -13.52 4.39 -13.62
N VAL A 54 -14.07 5.58 -13.31
CA VAL A 54 -13.72 6.32 -12.09
C VAL A 54 -14.05 5.50 -10.84
N GLU A 55 -15.30 5.00 -10.76
CA GLU A 55 -15.78 4.22 -9.63
C GLU A 55 -15.15 2.85 -9.54
N ILE A 56 -14.94 2.17 -10.69
CA ILE A 56 -14.30 0.85 -10.70
C ILE A 56 -12.84 1.00 -10.22
N SER A 57 -12.11 2.05 -10.67
CA SER A 57 -10.73 2.30 -10.26
C SER A 57 -10.66 2.62 -8.77
N LYS A 58 -11.60 3.40 -8.24
CA LYS A 58 -11.61 3.73 -6.82
C LYS A 58 -11.93 2.46 -6.02
N TYR A 59 -12.86 1.63 -6.54
CA TYR A 59 -13.22 0.36 -5.89
C TYR A 59 -11.96 -0.52 -5.76
N SER A 60 -11.19 -0.63 -6.86
CA SER A 60 -9.97 -1.43 -6.93
C SER A 60 -8.89 -0.99 -5.92
N GLN A 61 -8.98 0.22 -5.39
CA GLN A 61 -8.06 0.72 -4.37
C GLN A 61 -8.40 0.25 -2.99
N THR A 62 -9.67 0.28 -2.61
CA THR A 62 -10.01 0.02 -1.22
C THR A 62 -10.85 -1.22 -1.01
N ARG A 63 -11.17 -1.98 -2.09
CA ARG A 63 -11.97 -3.20 -1.97
C ARG A 63 -11.53 -4.17 -0.90
N ASN A 64 -10.21 -4.30 -0.71
CA ASN A 64 -9.61 -5.27 0.20
C ASN A 64 -9.66 -4.88 1.68
N TYR A 65 -10.25 -3.72 2.05
CA TYR A 65 -10.37 -3.32 3.47
C TYR A 65 -11.71 -3.66 4.07
N PHE A 66 -12.60 -4.20 3.24
CA PHE A 66 -13.94 -4.57 3.68
C PHE A 66 -13.95 -6.02 4.18
N TYR A 67 -15.08 -6.50 4.72
CA TYR A 67 -15.22 -7.89 5.15
C TYR A 67 -15.22 -8.78 3.91
N ASP A 68 -14.83 -10.06 4.05
CA ASP A 68 -14.83 -11.01 2.93
C ASP A 68 -16.18 -11.06 2.21
N TYR A 69 -17.29 -11.11 2.99
CA TYR A 69 -18.66 -11.14 2.44
C TYR A 69 -19.04 -9.82 1.72
N GLN A 70 -18.54 -8.67 2.21
CA GLN A 70 -18.78 -7.37 1.55
C GLN A 70 -18.05 -7.36 0.22
N ILE A 71 -16.81 -7.87 0.19
CA ILE A 71 -16.03 -7.97 -1.04
C ILE A 71 -16.79 -8.87 -2.04
N GLU A 72 -17.13 -10.10 -1.64
CA GLU A 72 -17.78 -11.06 -2.52
C GLU A 72 -19.08 -10.51 -3.15
N ALA A 73 -19.90 -9.83 -2.37
CA ALA A 73 -21.19 -9.33 -2.82
C ALA A 73 -21.17 -7.95 -3.48
N ASN A 74 -20.00 -7.32 -3.56
CA ASN A 74 -19.92 -5.99 -4.13
C ASN A 74 -20.27 -5.99 -5.61
N SER A 75 -21.09 -5.03 -6.03
CA SER A 75 -21.55 -4.94 -7.44
C SER A 75 -20.37 -4.73 -8.39
N ARG A 76 -19.21 -4.28 -7.88
CA ARG A 76 -18.08 -4.09 -8.77
C ARG A 76 -17.02 -5.17 -8.64
N GLU A 77 -17.24 -6.15 -7.76
CA GLU A 77 -16.27 -7.21 -7.49
C GLU A 77 -15.98 -8.11 -8.70
N LYS A 78 -17.02 -8.58 -9.39
CA LYS A 78 -16.90 -9.43 -10.59
C LYS A 78 -16.12 -8.69 -11.65
N GLU A 79 -16.44 -7.41 -11.88
CA GLU A 79 -15.81 -6.52 -12.84
C GLU A 79 -14.35 -6.36 -12.47
N TYR A 80 -14.04 -6.16 -11.16
CA TYR A 80 -12.66 -6.01 -10.67
C TYR A 80 -11.80 -7.24 -11.01
N LYS A 81 -12.29 -8.43 -10.64
CA LYS A 81 -11.63 -9.70 -10.84
C LYS A 81 -11.36 -9.99 -12.31
N GLU A 82 -12.31 -9.71 -13.19
CA GLU A 82 -12.15 -9.93 -14.65
C GLU A 82 -11.10 -9.02 -15.26
N LEU A 83 -11.11 -7.75 -14.86
CA LEU A 83 -10.12 -6.77 -15.32
C LEU A 83 -8.73 -7.13 -14.80
N ARG A 84 -8.63 -7.47 -13.50
CA ARG A 84 -7.38 -7.96 -12.87
C ARG A 84 -6.86 -9.14 -13.70
N ASN A 85 -7.76 -10.08 -14.02
CA ASN A 85 -7.40 -11.28 -14.78
C ASN A 85 -6.86 -10.93 -16.17
N ALA A 86 -7.61 -10.09 -16.90
CA ALA A 86 -7.24 -9.67 -18.26
C ALA A 86 -5.89 -8.95 -18.26
N ILE A 87 -5.65 -8.07 -17.27
CA ILE A 87 -4.38 -7.35 -17.14
C ILE A 87 -3.21 -8.35 -16.93
N SER A 88 -3.36 -9.29 -15.98
CA SER A 88 -2.37 -10.31 -15.59
C SER A 88 -1.94 -11.23 -16.72
N LYS A 89 -2.85 -11.45 -17.68
CA LYS A 89 -2.62 -12.29 -18.87
C LYS A 89 -1.88 -11.57 -20.00
N ASN A 90 -1.45 -10.31 -19.78
CA ASN A 90 -0.67 -9.60 -20.79
C ASN A 90 0.53 -8.94 -20.13
N LYS A 91 1.41 -9.81 -19.64
CA LYS A 91 2.65 -9.39 -18.97
C LYS A 91 3.68 -8.92 -19.99
N ILE A 92 4.38 -7.85 -19.68
CA ILE A 92 5.43 -7.33 -20.57
C ILE A 92 6.66 -8.21 -20.40
N ASP A 93 7.33 -8.50 -21.53
CA ASP A 93 8.54 -9.35 -21.55
C ASP A 93 9.83 -8.59 -21.17
N LYS A 94 9.75 -7.26 -21.10
CA LYS A 94 10.86 -6.40 -20.74
C LYS A 94 10.29 -5.14 -20.09
N PRO A 95 11.08 -4.34 -19.36
CA PRO A 95 10.50 -3.15 -18.75
C PRO A 95 9.86 -2.16 -19.72
N MET A 96 8.92 -1.40 -19.18
CA MET A 96 8.18 -0.38 -19.92
CA MET A 96 8.25 -0.35 -19.92
C MET A 96 8.04 0.87 -19.09
N TYR A 97 8.51 1.99 -19.61
CA TYR A 97 8.37 3.29 -18.97
C TYR A 97 7.00 3.85 -19.33
N VAL A 98 6.25 4.21 -18.31
CA VAL A 98 4.93 4.75 -18.53
C VAL A 98 4.83 6.16 -17.98
N TYR A 99 3.79 6.84 -18.41
CA TYR A 99 3.59 8.22 -18.08
C TYR A 99 2.17 8.43 -17.61
N TYR A 100 2.01 9.17 -16.52
CA TYR A 100 0.68 9.53 -16.03
C TYR A 100 0.73 10.74 -15.15
N PHE A 101 -0.36 11.48 -15.10
CA PHE A 101 -0.41 12.63 -14.21
C PHE A 101 -0.84 12.21 -12.81
N GLU A 102 -0.31 12.92 -11.81
CA GLU A 102 -0.58 12.56 -10.44
C GLU A 102 -0.77 13.77 -9.55
N SER A 103 -1.60 13.65 -8.52
CA SER A 103 -1.81 14.72 -7.56
CA SER A 103 -1.80 14.72 -7.59
C SER A 103 -0.62 14.73 -6.60
N PRO A 104 -0.04 15.91 -6.23
CA PRO A 104 1.08 15.91 -5.25
C PRO A 104 0.65 15.32 -3.91
N GLU A 105 -0.67 15.44 -3.59
CA GLU A 105 -1.30 14.92 -2.39
C GLU A 105 -1.06 13.40 -2.27
N LYS A 106 -0.88 12.68 -3.42
CA LYS A 106 -0.57 11.25 -3.50
C LYS A 106 0.71 10.88 -2.74
N PHE A 107 1.65 11.83 -2.72
CA PHE A 107 2.94 11.64 -2.08
C PHE A 107 3.08 12.47 -0.78
N ALA A 108 1.93 12.80 -0.14
CA ALA A 108 1.82 13.57 1.12
C ALA A 108 2.37 15.02 0.99
N PHE A 109 2.20 15.62 -0.18
CA PHE A 109 2.49 17.03 -0.40
C PHE A 109 1.09 17.57 -0.52
N ASN A 110 0.48 17.91 0.64
CA ASN A 110 -0.93 18.29 0.81
C ASN A 110 -1.20 19.76 0.49
N LYS A 111 -0.64 20.25 -0.63
N LYS A 111 -0.68 20.24 -0.64
CA LYS A 111 -0.74 21.62 -1.12
CA LYS A 111 -0.77 21.61 -1.12
C LYS A 111 -0.53 21.58 -2.63
C LYS A 111 -0.51 21.60 -2.62
N VAL A 112 -0.78 22.71 -3.32
CA VAL A 112 -0.55 22.75 -4.76
C VAL A 112 0.92 22.98 -5.03
N ILE A 113 1.42 22.36 -6.09
CA ILE A 113 2.78 22.60 -6.50
C ILE A 113 2.72 24.02 -7.13
N ARG A 114 1.67 24.26 -7.93
CA ARG A 114 1.33 25.54 -8.55
C ARG A 114 -0.17 25.39 -8.85
N THR A 115 -0.90 26.48 -9.03
CA THR A 115 -2.33 26.38 -9.34
C THR A 115 -2.43 26.03 -10.80
N GLU A 116 -3.58 25.50 -11.25
CA GLU A 116 -3.78 25.12 -12.64
C GLU A 116 -3.49 26.27 -13.63
N ASN A 117 -3.89 27.54 -13.33
CA ASN A 117 -3.67 28.68 -14.23
C ASN A 117 -2.28 29.30 -14.14
N GLN A 118 -1.47 28.94 -13.14
CA GLN A 118 -0.09 29.41 -13.02
C GLN A 118 0.76 28.65 -14.00
N ASN A 119 1.85 29.26 -14.51
CA ASN A 119 2.79 28.58 -15.42
C ASN A 119 4.04 28.13 -14.70
N GLU A 120 4.42 28.84 -13.64
CA GLU A 120 5.68 28.60 -12.96
C GLU A 120 5.55 27.74 -11.75
N ILE A 121 6.61 26.96 -11.49
CA ILE A 121 6.81 26.16 -10.29
C ILE A 121 8.06 26.79 -9.70
N SER A 122 7.91 27.39 -8.52
CA SER A 122 9.02 28.09 -7.89
C SER A 122 10.10 27.08 -7.49
N LEU A 123 11.35 27.56 -7.40
CA LEU A 123 12.47 26.74 -6.94
C LEU A 123 12.20 26.30 -5.51
N GLU A 124 11.65 27.21 -4.68
CA GLU A 124 11.24 26.94 -3.30
C GLU A 124 10.30 25.71 -3.26
N LYS A 125 9.20 25.79 -4.04
CA LYS A 125 8.21 24.71 -4.14
C LYS A 125 8.78 23.41 -4.64
N PHE A 126 9.64 23.48 -5.68
CA PHE A 126 10.34 22.34 -6.25
C PHE A 126 11.16 21.61 -5.15
N ASN A 127 12.01 22.37 -4.41
CA ASN A 127 12.81 21.80 -3.33
C ASN A 127 12.02 21.23 -2.22
N GLU A 128 10.88 21.86 -1.89
CA GLU A 128 10.02 21.39 -0.82
C GLU A 128 9.38 20.04 -1.16
N PHE A 129 8.96 19.91 -2.42
CA PHE A 129 8.41 18.67 -2.95
C PHE A 129 9.46 17.57 -2.91
N LYS A 130 10.73 17.87 -3.31
CA LYS A 130 11.85 16.95 -3.26
C LYS A 130 12.04 16.45 -1.84
N GLU A 131 12.06 17.36 -0.85
CA GLU A 131 12.23 17.06 0.58
C GLU A 131 11.14 16.14 1.10
N THR A 132 9.88 16.35 0.63
CA THR A 132 8.70 15.57 1.01
C THR A 132 8.77 14.12 0.51
N ILE A 133 9.13 13.90 -0.76
CA ILE A 133 9.10 12.56 -1.34
C ILE A 133 10.38 11.73 -1.17
N GLN A 134 11.54 12.37 -0.89
CA GLN A 134 12.82 11.68 -0.80
C GLN A 134 12.90 10.68 0.32
N ASN A 135 13.59 9.54 0.07
CA ASN A 135 13.87 8.47 1.04
C ASN A 135 12.58 7.88 1.63
N LYS A 136 11.56 7.76 0.76
CA LYS A 136 10.26 7.19 1.10
C LYS A 136 9.79 6.28 -0.01
N LEU A 137 9.07 5.24 0.38
CA LEU A 137 8.40 4.32 -0.53
C LEU A 137 6.93 4.63 -0.34
N PHE A 138 6.16 4.64 -1.43
CA PHE A 138 4.74 4.93 -1.34
C PHE A 138 4.01 3.81 -2.03
N LYS A 139 3.04 3.21 -1.34
CA LYS A 139 2.21 2.11 -1.87
C LYS A 139 1.26 2.63 -2.96
N GLN A 140 1.25 1.97 -4.12
CA GLN A 140 0.39 2.34 -5.27
C GLN A 140 -0.57 1.21 -5.49
N ASP A 141 -1.89 1.51 -5.47
CA ASP A 141 -2.94 0.50 -5.61
C ASP A 141 -4.05 0.91 -6.57
N GLY A 142 -4.56 -0.07 -7.28
CA GLY A 142 -5.70 0.14 -8.14
C GLY A 142 -5.41 0.24 -9.61
N PHE A 143 -6.49 0.18 -10.39
CA PHE A 143 -6.39 0.31 -11.84
C PHE A 143 -5.99 1.72 -12.15
N LYS A 144 -5.24 1.87 -13.25
CA LYS A 144 -4.83 3.17 -13.73
C LYS A 144 -4.68 3.10 -15.23
N ASP A 145 -5.21 4.09 -15.92
CA ASP A 145 -4.98 4.28 -17.35
C ASP A 145 -3.72 5.12 -17.43
N ILE A 146 -2.72 4.59 -18.12
CA ILE A 146 -1.43 5.25 -18.25
C ILE A 146 -1.23 5.58 -19.72
N SER A 147 -0.13 6.26 -20.02
CA SER A 147 0.23 6.64 -21.37
C SER A 147 1.59 6.03 -21.69
N LEU A 148 1.81 5.70 -22.96
CA LEU A 148 3.09 5.08 -23.35
C LEU A 148 4.13 6.11 -23.76
N TYR A 149 3.74 7.36 -23.82
CA TYR A 149 4.62 8.44 -24.25
C TYR A 149 4.43 9.66 -23.34
N GLU A 150 5.40 10.57 -23.37
CA GLU A 150 5.39 11.80 -22.63
C GLU A 150 4.38 12.76 -23.26
N PRO A 151 3.36 13.18 -22.49
CA PRO A 151 2.35 14.11 -23.03
C PRO A 151 2.95 15.45 -23.48
N GLY A 152 2.55 15.87 -24.67
CA GLY A 152 2.98 17.10 -25.30
C GLY A 152 1.82 18.07 -25.45
N LYS A 153 1.95 19.00 -26.40
CA LYS A 153 0.98 20.06 -26.68
C LYS A 153 -0.47 19.54 -26.79
N GLY A 154 -0.78 18.72 -27.79
CA GLY A 154 -2.13 18.20 -28.01
C GLY A 154 -2.74 17.32 -26.93
N ASP A 155 -1.98 17.01 -25.86
CA ASP A 155 -2.40 16.12 -24.79
C ASP A 155 -2.91 16.83 -23.53
N GLU A 156 -3.87 16.17 -22.86
CA GLU A 156 -4.43 16.64 -21.60
C GLU A 156 -3.35 16.50 -20.54
N LYS A 157 -3.11 17.58 -19.78
CA LYS A 157 -2.11 17.66 -18.72
C LYS A 157 -2.87 18.12 -17.47
N PRO A 158 -3.56 17.22 -16.73
CA PRO A 158 -4.45 17.69 -15.66
C PRO A 158 -3.81 18.12 -14.33
N THR A 159 -2.52 17.86 -14.14
CA THR A 159 -1.88 18.29 -12.89
C THR A 159 -0.47 18.85 -13.23
N PRO A 160 0.26 19.45 -12.26
CA PRO A 160 1.64 19.89 -12.55
C PRO A 160 2.62 18.75 -12.32
N LEU A 161 2.15 17.53 -12.00
CA LEU A 161 3.04 16.43 -11.67
C LEU A 161 2.95 15.25 -12.62
N LEU A 162 4.03 15.05 -13.38
CA LEU A 162 4.12 13.99 -14.37
C LEU A 162 5.03 12.87 -13.90
N MET A 163 4.44 11.70 -13.74
CA MET A 163 5.17 10.51 -13.31
C MET A 163 5.73 9.85 -14.52
N HIS A 164 7.02 9.53 -14.46
CA HIS A 164 7.73 8.78 -15.48
C HIS A 164 8.19 7.52 -14.74
N LEU A 165 7.33 6.50 -14.80
CA LEU A 165 7.48 5.27 -14.05
C LEU A 165 8.04 4.11 -14.84
N LYS A 166 9.04 3.44 -14.29
CA LYS A 166 9.58 2.26 -14.96
C LYS A 166 8.88 1.01 -14.46
N LEU A 167 8.04 0.38 -15.31
CA LEU A 167 7.33 -0.85 -14.94
C LEU A 167 8.28 -2.00 -15.21
N PRO A 168 8.54 -2.87 -14.23
CA PRO A 168 9.48 -3.98 -14.50
C PRO A 168 8.90 -5.04 -15.42
N ARG A 169 9.78 -5.92 -15.94
CA ARG A 169 9.40 -7.08 -16.73
C ARG A 169 8.39 -7.88 -15.89
N ASN A 170 7.36 -8.47 -16.55
CA ASN A 170 6.26 -9.26 -15.98
C ASN A 170 5.14 -8.42 -15.40
N THR A 171 5.09 -7.11 -15.70
CA THR A 171 4.01 -6.23 -15.25
C THR A 171 2.89 -6.44 -16.26
N GLY A 172 1.69 -6.70 -15.77
CA GLY A 172 0.52 -6.82 -16.64
C GLY A 172 0.14 -5.43 -17.15
N MET A 173 -0.23 -5.35 -18.44
CA MET A 173 -0.61 -4.12 -19.10
C MET A 173 -1.72 -4.50 -20.07
N LEU A 174 -2.79 -3.73 -20.09
CA LEU A 174 -3.93 -4.07 -20.95
C LEU A 174 -4.34 -2.92 -21.87
N PRO A 175 -3.73 -2.86 -23.07
CA PRO A 175 -4.16 -1.84 -24.05
C PRO A 175 -5.56 -2.24 -24.48
N TYR A 176 -6.43 -1.25 -24.66
CA TYR A 176 -7.82 -1.49 -25.05
C TYR A 176 -8.34 -0.29 -25.79
N THR A 177 -9.20 -0.53 -26.78
CA THR A 177 -9.80 0.56 -27.52
C THR A 177 -11.05 1.03 -26.76
N ASN A 178 -11.29 2.33 -26.80
CA ASN A 178 -12.44 2.95 -26.18
C ASN A 178 -12.96 3.98 -27.19
N THR A 179 -14.11 3.66 -27.85
CA THR A 179 -14.75 4.45 -28.91
C THR A 179 -13.75 4.58 -30.07
N ASN A 180 -13.20 5.79 -30.30
CA ASN A 180 -12.18 6.06 -31.33
C ASN A 180 -10.78 6.24 -30.69
N ASN A 181 -10.70 6.12 -29.36
CA ASN A 181 -9.45 6.26 -28.61
C ASN A 181 -8.90 4.88 -28.22
N VAL A 182 -7.65 4.87 -27.75
CA VAL A 182 -6.97 3.67 -27.25
C VAL A 182 -6.25 4.05 -25.95
N SER A 183 -6.45 3.24 -24.91
CA SER A 183 -5.80 3.46 -23.62
C SER A 183 -5.10 2.19 -23.17
N THR A 184 -4.25 2.28 -22.11
CA THR A 184 -3.59 1.13 -21.50
C THR A 184 -3.89 1.12 -20.02
N LEU A 185 -4.41 -0.02 -19.55
CA LEU A 185 -4.78 -0.22 -18.16
C LEU A 185 -3.72 -1.03 -17.44
N ILE A 186 -3.37 -0.59 -16.26
CA ILE A 186 -2.50 -1.36 -15.38
C ILE A 186 -3.26 -1.56 -14.11
N GLU A 187 -2.83 -2.53 -13.32
CA GLU A 187 -3.36 -2.63 -11.99
C GLU A 187 -2.16 -2.47 -11.04
N GLN A 188 -2.09 -1.36 -10.32
CA GLN A 188 -1.01 -1.08 -9.38
C GLN A 188 -1.08 -1.97 -8.16
N GLY A 189 0.09 -2.49 -7.77
CA GLY A 189 0.22 -3.38 -6.61
C GLY A 189 1.67 -3.52 -6.20
N TYR A 190 2.25 -2.39 -5.86
CA TYR A 190 3.65 -2.28 -5.52
C TYR A 190 3.85 -0.93 -4.86
N SER A 191 5.06 -0.69 -4.41
CA SER A 191 5.40 0.59 -3.87
C SER A 191 6.28 1.30 -4.91
N ILE A 192 6.30 2.63 -4.85
CA ILE A 192 7.19 3.38 -5.73
C ILE A 192 8.12 4.21 -4.89
N LYS A 193 9.30 4.44 -5.45
CA LYS A 193 10.35 5.29 -4.92
C LYS A 193 10.52 6.39 -5.99
N ILE A 194 10.49 7.65 -5.60
CA ILE A 194 10.78 8.76 -6.52
C ILE A 194 12.30 9.03 -6.45
N ASP A 195 13.00 8.61 -7.47
CA ASP A 195 14.47 8.67 -7.51
C ASP A 195 15.00 10.10 -7.75
N LYS A 196 14.31 10.85 -8.60
CA LYS A 196 14.67 12.21 -8.95
C LYS A 196 13.52 12.93 -9.61
N ILE A 197 13.49 14.24 -9.39
CA ILE A 197 12.49 15.12 -9.99
C ILE A 197 13.22 16.20 -10.76
N VAL A 198 12.63 16.62 -11.85
CA VAL A 198 13.15 17.68 -12.67
C VAL A 198 11.99 18.58 -13.05
N ARG A 199 12.26 19.86 -13.14
CA ARG A 199 11.29 20.82 -13.59
C ARG A 199 11.42 20.85 -15.10
N ILE A 200 10.32 20.58 -15.83
CA ILE A 200 10.26 20.59 -17.30
C ILE A 200 9.22 21.59 -17.76
N VAL A 201 9.31 21.97 -19.03
CA VAL A 201 8.37 22.87 -19.64
C VAL A 201 7.66 22.07 -20.74
N ILE A 202 6.31 22.08 -20.73
CA ILE A 202 5.45 21.51 -21.77
C ILE A 202 4.47 22.61 -22.13
N ASP A 203 4.42 22.99 -23.41
CA ASP A 203 3.54 24.01 -23.96
C ASP A 203 3.40 25.27 -23.05
N GLY A 204 4.53 25.88 -22.72
CA GLY A 204 4.63 27.13 -21.97
C GLY A 204 4.39 27.10 -20.47
N LYS A 205 4.32 25.90 -19.88
CA LYS A 205 4.07 25.78 -18.42
C LYS A 205 5.05 24.79 -17.82
N HIS A 206 5.39 25.00 -16.53
CA HIS A 206 6.26 24.16 -15.72
C HIS A 206 5.49 22.96 -15.19
N TYR A 207 6.14 21.80 -15.23
CA TYR A 207 5.65 20.53 -14.68
C TYR A 207 6.83 19.93 -13.94
N ILE A 208 6.54 19.11 -12.93
CA ILE A 208 7.55 18.35 -12.25
C ILE A 208 7.47 16.99 -12.89
N LYS A 209 8.57 16.52 -13.47
CA LYS A 209 8.61 15.17 -14.02
C LYS A 209 9.31 14.33 -12.96
N ALA A 210 8.57 13.38 -12.37
CA ALA A 210 9.12 12.52 -11.34
C ALA A 210 9.52 11.16 -11.89
N GLU A 211 10.83 10.84 -11.77
CA GLU A 211 11.44 9.54 -12.14
C GLU A 211 11.12 8.56 -11.03
N ALA A 212 10.27 7.58 -11.34
CA ALA A 212 9.81 6.62 -10.34
C ALA A 212 10.17 5.17 -10.64
N SER A 213 10.56 4.44 -9.59
CA SER A 213 10.95 3.02 -9.68
CA SER A 213 10.92 3.02 -9.72
C SER A 213 9.94 2.17 -8.92
N VAL A 214 9.73 0.93 -9.35
CA VAL A 214 8.82 0.00 -8.65
C VAL A 214 9.63 -0.81 -7.62
N VAL A 215 9.09 -0.94 -6.40
CA VAL A 215 9.70 -1.72 -5.34
C VAL A 215 8.60 -2.70 -4.91
N SER A 216 8.91 -4.00 -4.98
CA SER A 216 7.90 -5.01 -4.66
C SER A 216 7.84 -5.35 -3.19
N SER A 217 6.64 -5.76 -2.78
CA SER A 217 6.31 -6.21 -1.44
C SER A 217 5.28 -7.27 -1.60
N LEU A 218 5.45 -8.37 -0.83
CA LEU A 218 4.48 -9.45 -0.81
C LEU A 218 3.28 -8.90 -0.06
N ASP A 219 2.19 -8.74 -0.78
CA ASP A 219 1.00 -8.15 -0.21
C ASP A 219 -0.22 -8.99 -0.56
N PHE A 220 -0.75 -9.72 0.43
CA PHE A 220 -1.87 -10.61 0.19
C PHE A 220 -3.21 -9.92 0.11
N LYS A 221 -3.30 -8.70 0.61
CA LYS A 221 -4.56 -7.95 0.67
C LYS A 221 -5.67 -8.78 1.34
N ASP A 222 -6.77 -9.05 0.65
CA ASP A 222 -7.89 -9.81 1.22
C ASP A 222 -7.69 -11.30 1.09
N ASP A 223 -6.68 -11.73 0.36
CA ASP A 223 -6.45 -13.16 0.14
C ASP A 223 -5.77 -13.79 1.36
N VAL A 224 -6.56 -13.96 2.43
CA VAL A 224 -6.09 -14.48 3.72
C VAL A 224 -5.67 -15.92 3.63
N SER A 225 -6.36 -16.77 2.81
CA SER A 225 -5.97 -18.18 2.69
CA SER A 225 -5.98 -18.19 2.67
C SER A 225 -4.58 -18.32 2.08
N LYS A 226 -4.25 -17.54 1.03
CA LYS A 226 -2.92 -17.61 0.43
C LYS A 226 -1.86 -17.08 1.40
N GLY A 227 -2.22 -16.02 2.11
CA GLY A 227 -1.35 -15.41 3.13
C GLY A 227 -1.07 -16.39 4.24
N ASP A 228 -2.09 -17.16 4.64
CA ASP A 228 -2.01 -18.19 5.68
C ASP A 228 -1.08 -19.34 5.19
N SER A 229 -1.18 -19.72 3.89
CA SER A 229 -0.33 -20.77 3.32
CA SER A 229 -0.33 -20.78 3.36
C SER A 229 1.13 -20.35 3.33
N TRP A 230 1.39 -19.04 3.07
CA TRP A 230 2.74 -18.48 3.09
C TRP A 230 3.21 -18.47 4.55
N GLY A 231 2.35 -18.01 5.46
CA GLY A 231 2.68 -17.90 6.88
C GLY A 231 3.03 -19.25 7.49
N LYS A 232 2.20 -20.25 7.25
CA LYS A 232 2.40 -21.61 7.72
C LYS A 232 3.66 -22.23 7.06
N ALA A 233 3.86 -21.99 5.73
CA ALA A 233 5.07 -22.46 5.05
C ALA A 233 6.33 -21.96 5.75
N ASN A 234 6.33 -20.68 6.11
CA ASN A 234 7.49 -20.03 6.70
C ASN A 234 7.61 -20.15 8.23
N TYR A 235 6.51 -20.47 8.93
CA TYR A 235 6.58 -20.48 10.39
C TYR A 235 6.03 -21.75 11.06
N ASN A 236 5.63 -22.77 10.29
CA ASN A 236 5.14 -24.04 10.89
C ASN A 236 6.19 -24.68 11.82
N ASP A 237 7.48 -24.55 11.45
CA ASP A 237 8.64 -25.08 12.17
C ASP A 237 9.32 -24.07 13.15
N TRP A 238 8.79 -22.84 13.25
CA TRP A 238 9.30 -21.77 14.10
C TRP A 238 9.35 -22.15 15.59
N SER A 239 8.28 -22.78 16.11
CA SER A 239 8.16 -23.27 17.51
C SER A 239 9.35 -24.16 17.89
N ASN A 240 9.74 -25.09 16.98
CA ASN A 240 10.87 -26.01 17.10
C ASN A 240 12.26 -25.35 17.07
N LYS A 241 12.35 -24.12 16.56
CA LYS A 241 13.62 -23.37 16.50
C LYS A 241 13.82 -22.52 17.77
N LEU A 242 12.85 -22.57 18.72
CA LEU A 242 12.91 -21.79 19.95
C LEU A 242 13.42 -22.62 21.09
N THR A 243 14.16 -21.99 22.02
CA THR A 243 14.65 -22.69 23.22
C THR A 243 13.46 -23.01 24.10
N PRO A 244 13.54 -23.94 25.09
CA PRO A 244 12.36 -24.15 25.98
C PRO A 244 11.81 -22.87 26.61
N ASN A 245 12.69 -21.90 27.01
CA ASN A 245 12.23 -20.65 27.63
C ASN A 245 11.51 -19.74 26.64
N GLU A 246 12.05 -19.63 25.41
CA GLU A 246 11.46 -18.79 24.37
C GLU A 246 10.07 -19.31 23.99
N LEU A 247 9.95 -20.65 23.87
CA LEU A 247 8.70 -21.33 23.52
C LEU A 247 7.64 -21.11 24.61
N ALA A 248 8.03 -21.20 25.90
CA ALA A 248 7.12 -20.99 27.04
C ALA A 248 6.60 -19.56 27.12
N ASP A 249 7.48 -18.57 26.89
CA ASP A 249 7.11 -17.16 26.99
C ASP A 249 6.28 -16.71 25.81
N VAL A 250 6.55 -17.29 24.59
CA VAL A 250 5.77 -17.02 23.39
C VAL A 250 4.34 -17.55 23.63
N ASN A 251 4.22 -18.80 24.13
CA ASN A 251 2.95 -19.42 24.46
C ASN A 251 2.20 -18.62 25.51
N ASP A 252 2.87 -18.19 26.62
CA ASP A 252 2.23 -17.40 27.67
CA ASP A 252 2.27 -17.39 27.70
C ASP A 252 1.77 -16.07 27.11
N TYR A 253 2.59 -15.45 26.23
CA TYR A 253 2.21 -14.20 25.56
C TYR A 253 0.89 -14.47 24.78
N MET A 254 0.91 -15.45 23.87
CA MET A 254 -0.23 -15.83 23.01
C MET A 254 -1.48 -16.29 23.76
N ARG A 255 -1.30 -16.92 24.94
CA ARG A 255 -2.39 -17.41 25.78
C ARG A 255 -3.07 -16.30 26.62
N GLY A 256 -2.63 -15.05 26.45
CA GLY A 256 -3.23 -13.90 27.16
C GLY A 256 -2.25 -13.07 27.95
N GLY A 257 -0.99 -13.51 27.99
CA GLY A 257 0.09 -12.83 28.71
C GLY A 257 0.49 -11.53 28.06
N TYR A 258 0.00 -11.30 26.82
CA TYR A 258 0.23 -10.06 26.06
C TYR A 258 -0.28 -8.85 26.82
N THR A 259 -1.37 -9.00 27.59
CA THR A 259 -1.98 -7.90 28.34
C THR A 259 -0.99 -7.36 29.39
N ALA A 260 -0.51 -8.22 30.30
CA ALA A 260 0.47 -7.85 31.33
C ALA A 260 1.78 -7.34 30.70
N ILE A 261 2.31 -8.05 29.66
CA ILE A 261 3.56 -7.71 28.96
C ILE A 261 3.48 -6.36 28.29
N ASN A 262 2.47 -6.15 27.45
CA ASN A 262 2.29 -4.91 26.69
C ASN A 262 1.90 -3.74 27.56
N ASN A 263 1.10 -3.91 28.64
CA ASN A 263 0.76 -2.77 29.52
C ASN A 263 2.00 -2.36 30.31
N TYR A 264 2.84 -3.32 30.69
CA TYR A 264 4.12 -3.10 31.37
C TYR A 264 5.04 -2.27 30.45
N LEU A 265 5.06 -2.60 29.15
CA LEU A 265 5.84 -1.85 28.16
C LEU A 265 5.25 -0.46 27.87
N ILE A 266 3.92 -0.37 27.69
CA ILE A 266 3.21 0.89 27.42
C ILE A 266 3.40 1.89 28.60
N SER A 267 3.25 1.41 29.85
CA SER A 267 3.43 2.22 31.06
C SER A 267 4.88 2.50 31.43
N ASN A 268 5.84 2.06 30.59
CA ASN A 268 7.30 2.17 30.79
C ASN A 268 7.71 1.60 32.16
N GLY A 269 7.12 0.43 32.47
CA GLY A 269 7.40 -0.38 33.64
C GLY A 269 8.88 -0.66 33.78
N PRO A 270 9.65 -1.07 32.70
CA PRO A 270 11.11 -1.29 32.86
C PRO A 270 11.86 -0.18 33.60
N VAL A 271 11.31 1.04 33.57
CA VAL A 271 11.90 2.21 34.21
C VAL A 271 11.15 2.55 35.50
N ASN A 272 9.82 2.78 35.40
CA ASN A 272 8.90 3.16 36.46
C ASN A 272 8.74 2.15 37.59
N ASN A 273 8.50 0.87 37.26
CA ASN A 273 8.32 -0.19 38.27
C ASN A 273 8.96 -1.46 37.68
N PRO A 274 10.31 -1.53 37.66
CA PRO A 274 10.96 -2.69 37.03
C PRO A 274 10.46 -4.04 37.49
N ASN A 275 10.17 -4.90 36.52
CA ASN A 275 9.76 -6.28 36.73
C ASN A 275 10.73 -7.20 35.92
N PRO A 276 11.82 -7.71 36.57
CA PRO A 276 12.77 -8.56 35.84
C PRO A 276 12.17 -9.83 35.25
N GLU A 277 11.12 -10.43 35.90
CA GLU A 277 10.43 -11.60 35.33
C GLU A 277 9.78 -11.20 33.99
N LEU A 278 9.09 -10.05 33.95
CA LEU A 278 8.46 -9.54 32.73
C LEU A 278 9.51 -9.12 31.69
N ASP A 279 10.62 -8.51 32.13
CA ASP A 279 11.73 -8.11 31.24
C ASP A 279 12.30 -9.34 30.54
N SER A 280 12.43 -10.50 31.26
CA SER A 280 13.00 -11.74 30.68
C SER A 280 12.10 -12.35 29.59
N LYS A 281 10.78 -12.28 29.80
CA LYS A 281 9.80 -12.78 28.85
C LYS A 281 9.88 -11.96 27.58
N ILE A 282 10.04 -10.64 27.72
CA ILE A 282 10.14 -9.67 26.62
C ILE A 282 11.37 -9.99 25.83
N THR A 283 12.49 -10.22 26.54
CA THR A 283 13.76 -10.59 25.93
C THR A 283 13.59 -11.89 25.16
N ASN A 284 12.90 -12.89 25.76
CA ASN A 284 12.65 -14.20 25.14
C ASN A 284 11.81 -14.13 23.86
N ILE A 285 10.67 -13.41 23.91
CA ILE A 285 9.76 -13.20 22.77
C ILE A 285 10.50 -12.41 21.69
N GLU A 286 11.34 -11.44 22.10
CA GLU A 286 12.10 -10.68 21.12
C GLU A 286 13.11 -11.59 20.38
N ASN A 287 13.84 -12.45 21.14
CA ASN A 287 14.80 -13.38 20.52
C ASN A 287 14.06 -14.39 19.64
N ALA A 288 12.83 -14.74 20.05
CA ALA A 288 11.93 -15.63 19.29
C ALA A 288 11.61 -14.98 17.93
N LEU A 289 11.28 -13.67 17.95
CA LEU A 289 10.93 -12.90 16.75
C LEU A 289 12.13 -12.70 15.83
N LYS A 290 13.34 -12.65 16.41
CA LYS A 290 14.60 -12.53 15.67
C LYS A 290 15.11 -13.87 15.13
N ARG A 291 14.55 -15.00 15.61
CA ARG A 291 14.97 -16.36 15.25
C ARG A 291 14.83 -16.68 13.76
N GLU A 292 13.66 -16.35 13.18
CA GLU A 292 13.42 -16.60 11.77
C GLU A 292 12.84 -15.31 11.22
N PRO A 293 13.73 -14.37 10.84
CA PRO A 293 13.27 -13.06 10.35
C PRO A 293 12.35 -13.15 9.16
N ILE A 294 11.42 -12.19 9.03
CA ILE A 294 10.46 -12.10 7.91
C ILE A 294 11.30 -12.28 6.63
N PRO A 295 11.01 -13.34 5.83
CA PRO A 295 11.91 -13.68 4.72
C PRO A 295 11.85 -12.83 3.46
N THR A 296 10.86 -11.95 3.32
CA THR A 296 10.73 -11.11 2.12
C THR A 296 10.07 -9.81 2.53
N ASN A 297 10.13 -8.75 1.68
CA ASN A 297 9.41 -7.52 2.00
C ASN A 297 7.96 -7.93 2.07
N LEU A 298 7.35 -7.67 3.20
CA LEU A 298 5.99 -8.12 3.44
C LEU A 298 5.10 -7.02 3.97
N THR A 299 3.94 -6.91 3.37
CA THR A 299 2.96 -5.92 3.83
C THR A 299 2.04 -6.56 4.84
N VAL A 300 1.92 -5.93 5.99
CA VAL A 300 0.96 -6.38 6.98
C VAL A 300 -0.06 -5.26 7.32
N TYR A 301 -1.17 -5.65 7.97
CA TYR A 301 -2.24 -4.75 8.31
C TYR A 301 -2.61 -4.85 9.77
N ARG A 302 -2.73 -3.71 10.40
CA ARG A 302 -3.11 -3.62 11.79
C ARG A 302 -4.28 -2.64 11.90
N ARG A 303 -5.39 -3.10 12.50
CA ARG A 303 -6.51 -2.21 12.78
C ARG A 303 -6.18 -1.61 14.13
N SER A 304 -5.84 -0.33 14.12
CA SER A 304 -5.38 0.40 15.30
C SER A 304 -6.50 1.10 16.04
N GLY A 305 -6.37 1.07 17.35
CA GLY A 305 -7.25 1.80 18.24
C GLY A 305 -6.80 3.23 18.35
N PRO A 306 -7.68 4.15 18.80
CA PRO A 306 -7.29 5.57 18.90
C PRO A 306 -6.08 5.85 19.81
N GLN A 307 -5.89 5.03 20.87
CA GLN A 307 -4.81 5.14 21.87
C GLN A 307 -3.39 5.02 21.31
N GLU A 308 -3.23 4.29 20.19
CA GLU A 308 -1.95 4.12 19.50
C GLU A 308 -1.52 5.41 18.80
N PHE A 309 -2.48 6.33 18.62
CA PHE A 309 -2.24 7.61 17.98
C PHE A 309 -2.57 8.79 18.90
N GLY A 310 -2.47 8.55 20.21
CA GLY A 310 -2.69 9.52 21.27
C GLY A 310 -4.11 10.05 21.39
N LEU A 311 -5.10 9.22 21.02
CA LEU A 311 -6.51 9.61 21.08
C LEU A 311 -7.33 8.63 21.92
N THR A 312 -8.64 8.89 22.00
CA THR A 312 -9.62 8.04 22.70
C THR A 312 -10.86 7.90 21.79
N LEU A 313 -11.80 7.02 22.16
CA LEU A 313 -13.04 6.84 21.39
C LEU A 313 -13.93 8.09 21.31
N THR A 314 -13.92 8.91 22.38
CA THR A 314 -14.70 10.17 22.50
C THR A 314 -13.97 11.40 21.94
N SER A 315 -12.64 11.28 21.61
CA SER A 315 -11.83 12.38 21.06
C SER A 315 -12.50 13.02 19.84
N PRO A 316 -12.76 14.35 19.89
CA PRO A 316 -13.35 15.02 18.73
C PRO A 316 -12.53 14.79 17.46
N GLU A 317 -11.18 14.74 17.62
CA GLU A 317 -10.15 14.53 16.60
C GLU A 317 -10.26 13.16 15.91
N TYR A 318 -10.91 12.18 16.58
CA TYR A 318 -11.09 10.82 16.08
C TYR A 318 -12.26 10.71 15.10
N ASP A 319 -12.98 11.81 14.91
CA ASP A 319 -14.09 11.81 13.97
C ASP A 319 -13.55 12.17 12.59
N PHE A 320 -13.21 11.15 11.77
CA PHE A 320 -12.62 11.42 10.45
C PHE A 320 -13.70 11.72 9.37
N ASN A 321 -14.99 11.75 9.77
CA ASN A 321 -16.11 12.16 8.90
C ASN A 321 -16.01 13.69 8.67
N LYS A 322 -15.38 14.40 9.63
CA LYS A 322 -15.08 15.84 9.52
C LYS A 322 -13.66 15.93 8.92
N LEU A 323 -13.55 16.53 7.73
CA LEU A 323 -12.35 16.70 6.94
C LEU A 323 -11.19 17.37 7.70
N GLU A 324 -11.49 18.33 8.60
CA GLU A 324 -10.46 19.02 9.38
C GLU A 324 -9.75 18.07 10.35
N ASN A 325 -10.38 16.95 10.71
CA ASN A 325 -9.80 15.97 11.61
C ASN A 325 -8.81 15.06 10.91
N ILE A 326 -9.04 14.79 9.61
CA ILE A 326 -8.12 14.03 8.75
C ILE A 326 -6.91 14.96 8.52
N ASP A 327 -7.19 16.25 8.17
CA ASP A 327 -6.18 17.28 7.93
C ASP A 327 -5.29 17.43 9.16
N ALA A 328 -5.88 17.50 10.36
CA ALA A 328 -5.12 17.57 11.62
C ALA A 328 -4.33 16.27 11.88
N PHE A 329 -4.92 15.10 11.53
CA PHE A 329 -4.22 13.83 11.74
C PHE A 329 -2.99 13.68 10.81
N LYS A 330 -3.15 14.02 9.51
CA LYS A 330 -2.09 14.04 8.50
C LYS A 330 -0.95 14.99 8.89
N SER A 331 -1.29 16.24 9.28
CA SER A 331 -0.31 17.24 9.69
C SER A 331 0.57 16.71 10.85
N LYS A 332 -0.05 16.01 11.81
CA LYS A 332 0.60 15.44 12.99
C LYS A 332 1.43 14.21 12.66
N TRP A 333 0.89 13.28 11.87
CA TRP A 333 1.50 11.98 11.64
C TRP A 333 2.20 11.75 10.29
N GLU A 334 1.74 12.36 9.18
CA GLU A 334 2.39 12.12 7.88
C GLU A 334 3.82 12.58 7.87
N GLY A 335 4.71 11.68 7.42
CA GLY A 335 6.14 11.93 7.37
C GLY A 335 6.80 11.79 8.73
N GLN A 336 6.04 11.35 9.74
CA GLN A 336 6.57 11.18 11.10
C GLN A 336 6.82 9.72 11.43
N ALA A 337 7.58 9.47 12.51
CA ALA A 337 7.82 8.11 12.95
C ALA A 337 6.92 7.84 14.14
N LEU A 338 6.31 6.67 14.13
CA LEU A 338 5.39 6.18 15.15
C LEU A 338 6.11 5.02 15.86
N SER A 339 6.23 5.08 17.20
CA SER A 339 6.92 4.04 17.98
C SER A 339 5.95 3.30 18.87
N TYR A 340 6.11 1.98 18.98
CA TYR A 340 5.24 1.19 19.85
C TYR A 340 6.10 0.57 20.93
N PRO A 341 5.98 0.88 22.24
CA PRO A 341 6.84 0.21 23.24
C PRO A 341 6.47 -1.27 23.38
N ASN A 342 5.22 -1.60 23.09
CA ASN A 342 4.67 -2.95 23.15
C ASN A 342 4.93 -3.74 21.86
N PHE A 343 4.80 -5.08 21.95
CA PHE A 343 4.87 -5.99 20.79
C PHE A 343 3.62 -5.66 19.97
N ILE A 344 3.76 -5.67 18.64
CA ILE A 344 2.69 -5.23 17.73
C ILE A 344 2.10 -6.35 16.93
N SER A 345 0.80 -6.65 17.17
CA SER A 345 0.14 -7.69 16.40
CA SER A 345 0.10 -7.68 16.42
C SER A 345 -0.39 -7.10 15.09
N THR A 346 -0.23 -7.83 14.00
CA THR A 346 -0.65 -7.40 12.67
C THR A 346 -1.21 -8.63 12.01
N SER A 347 -1.76 -8.46 10.83
CA SER A 347 -2.34 -9.53 10.04
C SER A 347 -1.81 -9.50 8.62
N ILE A 348 -1.65 -10.66 8.00
CA ILE A 348 -1.23 -10.67 6.60
C ILE A 348 -2.39 -10.24 5.70
N GLY A 349 -3.59 -10.25 6.25
CA GLY A 349 -4.79 -9.84 5.55
C GLY A 349 -5.23 -8.43 5.88
N SER A 350 -5.74 -7.74 4.89
CA SER A 350 -6.25 -6.35 4.97
C SER A 350 -7.72 -6.26 5.34
N VAL A 351 -8.47 -7.36 5.15
CA VAL A 351 -9.92 -7.46 5.40
C VAL A 351 -10.34 -6.94 6.78
N ASN A 352 -11.54 -6.34 6.87
CA ASN A 352 -12.04 -6.00 8.18
C ASN A 352 -12.36 -7.34 8.92
N MET A 353 -12.34 -7.32 10.26
CA MET A 353 -12.67 -8.47 11.12
C MET A 353 -13.52 -7.95 12.27
N SER A 354 -14.49 -8.76 12.74
CA SER A 354 -15.45 -8.37 13.79
C SER A 354 -14.80 -7.86 15.09
N ALA A 355 -13.65 -8.46 15.49
CA ALA A 355 -12.86 -8.08 16.67
C ALA A 355 -12.39 -6.63 16.62
N PHE A 356 -12.17 -6.08 15.38
CA PHE A 356 -11.68 -4.73 15.16
C PHE A 356 -12.56 -3.94 14.19
N ALA A 357 -13.87 -4.28 14.17
CA ALA A 357 -14.92 -3.77 13.30
C ALA A 357 -15.02 -2.23 13.29
N LYS A 358 -14.93 -1.60 14.48
CA LYS A 358 -15.10 -0.15 14.68
C LYS A 358 -13.80 0.67 14.59
N ARG A 359 -12.64 0.02 14.67
CA ARG A 359 -11.32 0.67 14.60
C ARG A 359 -11.15 1.42 13.28
N LYS A 360 -10.94 2.73 13.39
CA LYS A 360 -10.91 3.67 12.25
C LYS A 360 -9.57 3.83 11.54
N ILE A 361 -8.51 3.23 12.06
CA ILE A 361 -7.19 3.41 11.47
C ILE A 361 -6.62 2.05 11.06
N VAL A 362 -6.31 1.95 9.78
CA VAL A 362 -5.69 0.77 9.23
C VAL A 362 -4.24 1.15 9.02
N LEU A 363 -3.36 0.54 9.81
CA LEU A 363 -1.94 0.69 9.71
C LEU A 363 -1.42 -0.38 8.71
N ARG A 364 -1.05 0.09 7.51
CA ARG A 364 -0.54 -0.72 6.41
C ARG A 364 1.00 -0.62 6.43
N ILE A 365 1.63 -1.66 6.99
CA ILE A 365 3.04 -1.70 7.23
C ILE A 365 3.82 -2.46 6.19
N THR A 366 4.89 -1.84 5.66
CA THR A 366 5.85 -2.55 4.83
C THR A 366 6.94 -3.01 5.79
N ILE A 367 7.10 -4.33 5.90
CA ILE A 367 8.12 -4.96 6.73
C ILE A 367 9.25 -5.31 5.78
N PRO A 368 10.42 -4.64 5.91
CA PRO A 368 11.57 -4.98 5.04
C PRO A 368 12.09 -6.38 5.35
N LYS A 369 12.53 -7.09 4.30
CA LYS A 369 13.12 -8.42 4.39
C LYS A 369 14.18 -8.43 5.52
N GLY A 370 14.12 -9.47 6.37
CA GLY A 370 15.07 -9.62 7.46
C GLY A 370 14.71 -8.96 8.78
N SER A 371 13.53 -8.34 8.86
CA SER A 371 13.11 -7.71 10.10
C SER A 371 12.64 -8.79 11.07
N PRO A 372 12.72 -8.54 12.41
CA PRO A 372 12.17 -9.52 13.35
C PRO A 372 10.66 -9.62 13.06
N GLY A 373 10.11 -10.79 13.32
CA GLY A 373 8.71 -11.06 13.06
C GLY A 373 8.49 -12.55 13.06
N ALA A 374 7.23 -12.97 13.25
CA ALA A 374 6.83 -14.38 13.20
C ALA A 374 5.35 -14.45 12.93
N TYR A 375 4.95 -15.43 12.10
CA TYR A 375 3.58 -15.73 11.81
C TYR A 375 3.14 -16.68 12.92
N LEU A 376 2.57 -16.09 13.98
CA LEU A 376 2.08 -16.78 15.18
C LEU A 376 0.93 -17.69 14.87
N SER A 377 0.15 -17.35 13.81
CA SER A 377 -0.98 -18.15 13.38
C SER A 377 -0.57 -19.49 12.73
N ALA A 378 0.73 -19.80 12.73
CA ALA A 378 1.24 -21.08 12.25
C ALA A 378 1.12 -22.08 13.42
N ILE A 379 1.01 -21.56 14.66
CA ILE A 379 0.82 -22.36 15.86
C ILE A 379 -0.68 -22.70 15.95
N PRO A 380 -1.08 -23.99 15.88
CA PRO A 380 -2.52 -24.33 15.91
C PRO A 380 -3.23 -23.93 17.19
N GLY A 381 -4.54 -23.69 17.06
CA GLY A 381 -5.44 -23.34 18.15
C GLY A 381 -5.15 -22.01 18.79
N TYR A 382 -4.96 -20.97 17.96
CA TYR A 382 -4.69 -19.61 18.40
C TYR A 382 -5.84 -18.70 17.95
N ALA A 383 -6.28 -17.78 18.84
CA ALA A 383 -7.35 -16.81 18.59
C ALA A 383 -6.96 -15.72 17.59
N GLY A 384 -5.66 -15.46 17.44
CA GLY A 384 -5.15 -14.47 16.50
C GLY A 384 -5.44 -14.86 15.06
N GLU A 385 -5.93 -13.89 14.27
CA GLU A 385 -6.32 -14.08 12.87
C GLU A 385 -5.19 -13.71 11.94
N TYR A 386 -4.56 -14.72 11.33
CA TYR A 386 -3.47 -14.61 10.34
C TYR A 386 -2.40 -13.63 10.84
N GLU A 387 -2.02 -13.80 12.10
CA GLU A 387 -1.18 -12.88 12.81
C GLU A 387 0.31 -12.95 12.58
N VAL A 388 0.90 -11.78 12.33
CA VAL A 388 2.33 -11.61 12.29
C VAL A 388 2.62 -10.71 13.49
N LEU A 389 3.47 -11.19 14.42
CA LEU A 389 3.86 -10.38 15.55
C LEU A 389 5.19 -9.70 15.22
N LEU A 390 5.23 -8.39 15.48
CA LEU A 390 6.39 -7.52 15.33
C LEU A 390 6.97 -7.21 16.70
N ASN A 391 8.26 -6.91 16.71
CA ASN A 391 9.02 -6.71 17.94
C ASN A 391 8.65 -5.46 18.70
N HIS A 392 8.68 -5.56 20.04
CA HIS A 392 8.41 -4.42 20.93
C HIS A 392 9.40 -3.32 20.61
N GLY A 393 8.98 -2.08 20.71
CA GLY A 393 9.86 -0.95 20.40
C GLY A 393 10.03 -0.68 18.92
N SER A 394 9.28 -1.37 18.03
CA SER A 394 9.39 -1.11 16.59
C SER A 394 9.01 0.34 16.28
N LYS A 395 9.63 0.91 15.26
CA LYS A 395 9.39 2.27 14.75
C LYS A 395 8.90 2.18 13.31
N PHE A 396 7.89 3.01 13.01
CA PHE A 396 7.24 3.01 11.69
C PHE A 396 7.20 4.40 11.12
N LYS A 397 7.86 4.61 9.97
CA LYS A 397 7.83 5.90 9.30
C LYS A 397 6.53 5.94 8.51
N ILE A 398 5.69 6.97 8.79
CA ILE A 398 4.44 7.14 8.07
C ILE A 398 4.72 7.87 6.76
N ASN A 399 4.49 7.22 5.62
CA ASN A 399 4.73 7.81 4.31
C ASN A 399 3.55 8.62 3.84
N LYS A 400 2.35 8.05 3.97
CA LYS A 400 1.16 8.70 3.41
C LYS A 400 -0.04 8.17 4.15
N ILE A 401 -1.06 8.98 4.28
CA ILE A 401 -2.33 8.62 4.89
C ILE A 401 -3.41 8.90 3.86
N ASP A 402 -4.31 7.96 3.72
CA ASP A 402 -5.47 8.04 2.86
C ASP A 402 -6.70 7.83 3.69
N SER A 403 -7.86 8.19 3.14
CA SER A 403 -9.15 7.98 3.79
C SER A 403 -10.07 7.20 2.86
N TYR A 404 -11.04 6.52 3.45
CA TYR A 404 -12.03 5.78 2.69
C TYR A 404 -13.26 5.65 3.53
N LYS A 405 -14.38 5.41 2.86
CA LYS A 405 -15.65 5.25 3.50
C LYS A 405 -15.96 3.77 3.72
N ASP A 406 -16.13 3.39 5.00
CA ASP A 406 -16.56 2.06 5.37
C ASP A 406 -17.98 2.26 5.89
N GLY A 407 -18.95 2.04 5.00
CA GLY A 407 -20.35 2.31 5.35
C GLY A 407 -20.51 3.82 5.47
N THR A 408 -20.94 4.31 6.65
CA THR A 408 -21.06 5.76 6.82
C THR A 408 -19.86 6.34 7.57
N ILE A 409 -18.91 5.48 7.97
CA ILE A 409 -17.73 5.87 8.77
C ILE A 409 -16.47 6.02 7.91
N THR A 410 -15.82 7.19 7.99
CA THR A 410 -14.55 7.44 7.31
C THR A 410 -13.44 6.78 8.11
N LYS A 411 -12.63 5.96 7.45
CA LYS A 411 -11.49 5.29 8.07
C LYS A 411 -10.21 5.71 7.33
N LEU A 412 -9.10 5.58 8.00
CA LEU A 412 -7.80 5.94 7.47
C LEU A 412 -6.98 4.74 7.11
N ILE A 413 -6.17 4.88 6.06
CA ILE A 413 -5.21 3.87 5.64
C ILE A 413 -3.86 4.57 5.76
N VAL A 414 -3.04 4.10 6.71
CA VAL A 414 -1.73 4.64 7.05
C VAL A 414 -0.66 3.80 6.37
N ASP A 415 -0.08 4.36 5.32
CA ASP A 415 1.00 3.72 4.58
C ASP A 415 2.29 3.98 5.38
N ALA A 416 2.75 2.97 6.13
CA ALA A 416 3.94 3.05 6.98
C ALA A 416 4.95 1.97 6.62
N THR A 417 6.21 2.21 6.96
CA THR A 417 7.36 1.30 6.72
C THR A 417 7.96 1.07 8.10
N LEU A 418 8.27 -0.17 8.44
CA LEU A 418 9.01 -0.52 9.66
C LEU A 418 10.43 -0.04 9.36
N ILE A 419 11.00 0.81 10.24
CA ILE A 419 12.34 1.39 10.05
C ILE A 419 13.24 0.96 11.19
N PRO A 420 14.58 0.70 10.99
CA PRO A 420 15.41 0.30 12.14
C PRO A 420 15.86 1.46 13.03
#